data_7K68
#
_entry.id   7K68
#
_cell.length_a   28.810
_cell.length_b   66.480
_cell.length_c   44.300
_cell.angle_alpha   90.000
_cell.angle_beta   92.014
_cell.angle_gamma   90.000
#
_symmetry.space_group_name_H-M   'P 1 21 1'
#
loop_
_entity.id
_entity.type
_entity.pdbx_description
1 polymer 'Dihydrofolate reductase'
2 non-polymer 'NADP NICOTINAMIDE-ADENINE-DINUCLEOTIDE PHOSPHATE'
3 non-polymer '3-(3-{3-[(2,4-diamino-6-ethylpyrimidin-5-yl)oxy]propoxy}phenyl)propanoic acid'
4 non-polymer 'CHLORIDE ION'
5 water water
#
_entity_poly.entity_id   1
_entity_poly.type   'polypeptide(L)'
_entity_poly.pdbx_seq_one_letter_code
;MAHHHHHHMTSVGLIWAQSTSGVIGRDGGIPWRLPEDLAHFKRLTMGHTVVMGRRTWDSLPAAHRPLPGRRNVVVTRQTG
LVAHGAQVVGSLEQALCPAEPDAATWVIGGAQIYALALPLANRCEVTEVDVDLPPEDEDALAPVLDQTWAGTSGEWLVSR
SGLRYRMHSYRRL
;
_entity_poly.pdbx_strand_id   A
#
loop_
_chem_comp.id
_chem_comp.type
_chem_comp.name
_chem_comp.formula
CL non-polymer 'CHLORIDE ION' 'Cl -1'
NAP non-polymer 'NADP NICOTINAMIDE-ADENINE-DINUCLEOTIDE PHOSPHATE' 'C21 H28 N7 O17 P3'
QKJ non-polymer '3-(3-{3-[(2,4-diamino-6-ethylpyrimidin-5-yl)oxy]propoxy}phenyl)propanoic acid' 'C18 H24 N4 O4'
#
# COMPACT_ATOMS: atom_id res chain seq x y z
N SER A 11 12.94 9.80 1.78
CA SER A 11 11.53 9.92 2.07
C SER A 11 10.77 8.63 1.73
N VAL A 12 10.18 8.02 2.76
CA VAL A 12 9.43 6.78 2.64
C VAL A 12 7.97 7.08 2.93
N GLY A 13 7.09 6.66 2.03
CA GLY A 13 5.66 6.84 2.22
C GLY A 13 4.98 5.49 2.27
N LEU A 14 3.86 5.42 2.98
CA LEU A 14 2.96 4.28 2.93
C LEU A 14 1.75 4.67 2.11
N ILE A 15 1.23 3.73 1.33
CA ILE A 15 -0.01 3.94 0.60
C ILE A 15 -0.87 2.70 0.78
N TRP A 16 -2.14 2.90 1.15
CA TRP A 16 -3.05 1.77 1.32
C TRP A 16 -4.47 2.24 1.11
N ALA A 17 -5.35 1.25 0.87
CA ALA A 17 -6.79 1.45 0.83
C ALA A 17 -7.43 0.60 1.92
N GLN A 18 -8.33 1.18 2.70
CA GLN A 18 -8.97 0.44 3.79
C GLN A 18 -10.46 0.70 3.78
N SER A 19 -11.22 -0.29 4.25
CA SER A 19 -12.61 0.00 4.60
C SER A 19 -12.63 0.96 5.79
N THR A 20 -13.78 1.61 6.01
CA THR A 20 -13.86 2.45 7.19
C THR A 20 -13.50 1.68 8.45
N SER A 21 -13.86 0.39 8.51
CA SER A 21 -13.57 -0.43 9.68
C SER A 21 -12.08 -0.79 9.80
N GLY A 22 -11.26 -0.51 8.80
CA GLY A 22 -9.83 -0.75 8.91
C GLY A 22 -9.32 -1.99 8.21
N VAL A 23 -10.18 -2.71 7.49
CA VAL A 23 -9.75 -3.92 6.79
C VAL A 23 -9.03 -3.53 5.51
N ILE A 24 -7.88 -4.15 5.25
CA ILE A 24 -7.19 -3.99 3.97
C ILE A 24 -7.14 -5.28 3.16
N GLY A 25 -7.27 -6.45 3.77
CA GLY A 25 -7.08 -7.69 3.03
C GLY A 25 -7.89 -8.80 3.65
N ARG A 26 -8.33 -9.73 2.79
CA ARG A 26 -9.05 -10.90 3.24
C ARG A 26 -8.91 -11.96 2.17
N ASP A 27 -8.71 -13.21 2.60
N ASP A 27 -8.70 -13.20 2.59
CA ASP A 27 -8.64 -14.35 1.69
CA ASP A 27 -8.68 -14.35 1.68
C ASP A 27 -7.63 -14.14 0.57
C ASP A 27 -7.60 -14.22 0.60
N GLY A 28 -6.48 -13.57 0.92
CA GLY A 28 -5.41 -13.40 -0.04
C GLY A 28 -5.64 -12.29 -1.04
N GLY A 29 -6.67 -11.46 -0.86
CA GLY A 29 -6.91 -10.37 -1.76
C GLY A 29 -7.50 -9.17 -1.06
N ILE A 30 -8.11 -8.28 -1.82
CA ILE A 30 -8.73 -7.07 -1.29
C ILE A 30 -10.25 -7.23 -1.42
N PRO A 31 -11.01 -7.09 -0.34
CA PRO A 31 -12.43 -7.51 -0.36
C PRO A 31 -13.43 -6.46 -0.85
N TRP A 32 -13.03 -5.66 -1.83
CA TRP A 32 -13.93 -4.78 -2.56
C TRP A 32 -13.25 -4.52 -3.89
N ARG A 33 -13.99 -3.92 -4.81
CA ARG A 33 -13.45 -3.48 -6.08
C ARG A 33 -13.65 -1.97 -6.18
N LEU A 34 -12.56 -1.23 -6.40
CA LEU A 34 -12.64 0.23 -6.48
C LEU A 34 -11.67 0.71 -7.55
N PRO A 35 -12.12 0.78 -8.81
CA PRO A 35 -11.23 1.20 -9.91
C PRO A 35 -10.56 2.53 -9.67
N GLU A 36 -11.28 3.48 -9.06
CA GLU A 36 -10.74 4.80 -8.81
C GLU A 36 -9.56 4.73 -7.86
N ASP A 37 -9.56 3.77 -6.94
CA ASP A 37 -8.41 3.63 -6.05
C ASP A 37 -7.21 3.05 -6.78
N LEU A 38 -7.43 2.06 -7.66
CA LEU A 38 -6.32 1.54 -8.44
C LEU A 38 -5.71 2.64 -9.31
N ALA A 39 -6.56 3.51 -9.89
CA ALA A 39 -6.06 4.62 -10.70
C ALA A 39 -5.21 5.57 -9.85
N HIS A 40 -5.70 5.92 -8.65
CA HIS A 40 -4.95 6.74 -7.69
C HIS A 40 -3.61 6.10 -7.33
N PHE A 41 -3.62 4.80 -7.03
CA PHE A 41 -2.40 4.05 -6.74
C PHE A 41 -1.41 4.13 -7.90
N LYS A 42 -1.89 3.95 -9.14
CA LYS A 42 -1.03 4.04 -10.32
CA LYS A 42 -0.99 4.02 -10.27
C LYS A 42 -0.43 5.43 -10.45
N ARG A 43 -1.26 6.46 -10.24
CA ARG A 43 -0.77 7.84 -10.40
CA ARG A 43 -0.77 7.84 -10.40
C ARG A 43 0.31 8.16 -9.37
N LEU A 44 0.13 7.72 -8.13
CA LEU A 44 1.09 8.07 -7.09
CA LEU A 44 1.10 8.08 -7.11
C LEU A 44 2.39 7.27 -7.22
N THR A 45 2.32 6.02 -7.72
CA THR A 45 3.49 5.17 -7.67
C THR A 45 4.26 5.04 -8.98
N MET A 46 3.65 5.36 -10.13
CA MET A 46 4.32 5.12 -11.41
C MET A 46 5.68 5.81 -11.46
N GLY A 47 6.69 5.07 -11.94
CA GLY A 47 8.04 5.59 -12.03
C GLY A 47 8.87 5.47 -10.77
N HIS A 48 8.29 5.00 -9.67
CA HIS A 48 8.95 5.01 -8.37
C HIS A 48 9.17 3.58 -7.88
N THR A 49 9.82 3.47 -6.73
CA THR A 49 10.03 2.17 -6.08
C THR A 49 8.80 1.82 -5.25
N VAL A 50 8.36 0.58 -5.36
CA VAL A 50 7.29 0.03 -4.52
C VAL A 50 7.83 -1.16 -3.73
N VAL A 51 7.71 -1.08 -2.40
CA VAL A 51 8.22 -2.11 -1.48
C VAL A 51 7.04 -2.85 -0.88
N MET A 52 7.07 -4.18 -0.93
CA MET A 52 5.93 -4.96 -0.43
C MET A 52 6.39 -6.23 0.26
N GLY A 53 5.54 -6.72 1.17
CA GLY A 53 5.77 -8.05 1.74
C GLY A 53 5.49 -9.15 0.73
N ARG A 54 6.07 -10.32 0.99
CA ARG A 54 5.95 -11.43 0.03
C ARG A 54 4.50 -11.85 -0.17
N ARG A 55 3.67 -11.79 0.88
CA ARG A 55 2.27 -12.17 0.69
C ARG A 55 1.57 -11.21 -0.27
N THR A 56 1.86 -9.90 -0.18
CA THR A 56 1.31 -8.95 -1.14
C THR A 56 1.82 -9.23 -2.55
N TRP A 57 3.11 -9.55 -2.70
CA TRP A 57 3.62 -9.95 -4.00
C TRP A 57 2.82 -11.12 -4.57
N ASP A 58 2.52 -12.13 -3.75
CA ASP A 58 1.78 -13.28 -4.24
C ASP A 58 0.32 -12.95 -4.52
N SER A 59 -0.19 -11.85 -3.93
CA SER A 59 -1.58 -11.45 -4.14
C SER A 59 -1.77 -10.66 -5.43
N LEU A 60 -0.71 -10.24 -6.11
CA LEU A 60 -0.88 -9.34 -7.25
C LEU A 60 -1.49 -10.13 -8.42
N PRO A 61 -2.48 -9.57 -9.11
CA PRO A 61 -3.01 -10.24 -10.31
C PRO A 61 -1.96 -10.30 -11.41
N ALA A 62 -2.16 -11.25 -12.34
CA ALA A 62 -1.10 -11.61 -13.28
C ALA A 62 -0.51 -10.41 -14.03
N ALA A 63 -1.38 -9.53 -14.58
CA ALA A 63 -0.95 -8.36 -15.33
C ALA A 63 -0.35 -7.27 -14.44
N HIS A 64 -0.26 -7.51 -13.13
CA HIS A 64 0.28 -6.55 -12.18
C HIS A 64 1.39 -7.15 -11.36
N ARG A 65 1.98 -8.27 -11.81
CA ARG A 65 3.02 -8.97 -11.07
C ARG A 65 4.17 -9.23 -12.03
N PRO A 66 5.15 -8.31 -12.08
CA PRO A 66 5.33 -7.13 -11.24
C PRO A 66 4.44 -5.95 -11.66
N LEU A 67 4.35 -4.96 -10.78
CA LEU A 67 3.61 -3.74 -11.09
C LEU A 67 4.37 -2.99 -12.18
N PRO A 68 3.78 -2.79 -13.37
CA PRO A 68 4.57 -2.26 -14.49
C PRO A 68 4.99 -0.81 -14.27
N GLY A 69 6.20 -0.49 -14.71
CA GLY A 69 6.69 0.87 -14.65
C GLY A 69 7.15 1.32 -13.28
N ARG A 70 7.29 0.38 -12.33
CA ARG A 70 7.78 0.64 -10.99
CA ARG A 70 7.83 0.69 -11.03
C ARG A 70 8.93 -0.31 -10.71
N ARG A 71 9.84 0.12 -9.83
CA ARG A 71 10.88 -0.77 -9.33
C ARG A 71 10.27 -1.56 -8.19
N ASN A 72 10.00 -2.87 -8.41
CA ASN A 72 9.32 -3.69 -7.42
C ASN A 72 10.34 -4.34 -6.49
N VAL A 73 10.10 -4.23 -5.18
CA VAL A 73 10.98 -4.80 -4.16
C VAL A 73 10.11 -5.64 -3.22
N VAL A 74 10.53 -6.90 -3.00
CA VAL A 74 9.76 -7.87 -2.22
C VAL A 74 10.58 -8.27 -1.00
N VAL A 75 9.96 -8.15 0.18
CA VAL A 75 10.57 -8.46 1.48
C VAL A 75 10.14 -9.85 1.92
N THR A 76 11.11 -10.72 2.19
CA THR A 76 10.85 -12.10 2.57
C THR A 76 11.95 -12.58 3.51
N ARG A 77 11.62 -13.60 4.32
CA ARG A 77 12.66 -14.29 5.06
C ARG A 77 13.20 -15.49 4.30
N GLN A 78 12.61 -15.83 3.17
CA GLN A 78 13.04 -17.01 2.44
C GLN A 78 14.35 -16.74 1.74
N THR A 79 15.36 -17.53 2.07
CA THR A 79 16.60 -17.44 1.33
C THR A 79 16.40 -18.08 -0.04
N GLY A 80 16.93 -17.44 -1.06
CA GLY A 80 16.85 -18.01 -2.38
C GLY A 80 15.54 -17.80 -3.10
N LEU A 81 14.63 -16.98 -2.57
CA LEU A 81 13.40 -16.73 -3.29
C LEU A 81 13.70 -15.92 -4.54
N VAL A 82 13.13 -16.34 -5.66
CA VAL A 82 13.17 -15.59 -6.90
C VAL A 82 11.78 -15.00 -7.12
N ALA A 83 11.73 -13.71 -7.45
CA ALA A 83 10.48 -13.04 -7.76
C ALA A 83 10.68 -12.41 -9.13
N HIS A 84 10.24 -13.09 -10.20
CA HIS A 84 10.54 -12.61 -11.55
C HIS A 84 9.95 -11.22 -11.76
N GLY A 85 10.80 -10.26 -12.11
CA GLY A 85 10.35 -8.90 -12.29
C GLY A 85 10.48 -8.03 -11.08
N ALA A 86 10.98 -8.56 -9.96
CA ALA A 86 11.18 -7.79 -8.74
C ALA A 86 12.55 -8.09 -8.16
N GLN A 87 12.94 -7.24 -7.22
CA GLN A 87 14.15 -7.46 -6.44
C GLN A 87 13.73 -8.02 -5.08
N VAL A 88 14.40 -9.10 -4.65
CA VAL A 88 14.11 -9.74 -3.37
C VAL A 88 15.12 -9.27 -2.33
N VAL A 89 14.63 -8.85 -1.17
CA VAL A 89 15.47 -8.46 -0.04
C VAL A 89 14.98 -9.17 1.22
N GLY A 90 15.83 -9.18 2.24
CA GLY A 90 15.59 -9.95 3.43
C GLY A 90 15.07 -9.20 4.64
N SER A 91 14.84 -7.89 4.52
CA SER A 91 14.29 -7.10 5.61
C SER A 91 13.74 -5.82 5.00
N LEU A 92 12.86 -5.17 5.74
CA LEU A 92 12.40 -3.85 5.31
C LEU A 92 13.56 -2.86 5.27
N GLU A 93 14.47 -2.90 6.27
CA GLU A 93 15.62 -2.02 6.24
C GLU A 93 16.44 -2.17 4.96
N GLN A 94 16.67 -3.41 4.52
CA GLN A 94 17.39 -3.61 3.26
C GLN A 94 16.64 -2.97 2.09
N ALA A 95 15.32 -3.12 2.06
CA ALA A 95 14.52 -2.51 1.01
C ALA A 95 14.70 -1.00 1.00
N LEU A 96 14.92 -0.38 2.16
CA LEU A 96 15.04 1.07 2.26
C LEU A 96 16.48 1.55 2.13
N CYS A 97 17.41 0.64 1.83
CA CYS A 97 18.82 0.97 1.66
C CYS A 97 19.25 0.47 0.28
N PRO A 98 18.63 0.98 -0.78
CA PRO A 98 18.95 0.48 -2.12
C PRO A 98 20.36 0.82 -2.53
N ALA A 99 20.94 -0.04 -3.35
CA ALA A 99 22.22 0.31 -3.96
C ALA A 99 22.09 1.49 -4.91
N GLU A 100 20.93 1.63 -5.54
CA GLU A 100 20.65 2.76 -6.43
C GLU A 100 19.53 3.58 -5.80
N PRO A 101 19.81 4.76 -5.27
CA PRO A 101 18.77 5.53 -4.60
C PRO A 101 17.61 5.89 -5.53
N ASP A 102 16.43 6.04 -4.94
CA ASP A 102 15.26 6.53 -5.63
C ASP A 102 14.71 7.71 -4.85
N ALA A 103 14.30 8.76 -5.56
CA ALA A 103 13.76 9.93 -4.88
C ALA A 103 12.47 9.62 -4.14
N ALA A 104 11.72 8.62 -4.60
CA ALA A 104 10.42 8.31 -4.01
C ALA A 104 10.30 6.81 -3.82
N THR A 105 10.09 6.40 -2.57
CA THR A 105 9.88 5.00 -2.24
C THR A 105 8.55 4.86 -1.51
N TRP A 106 7.70 3.98 -2.02
CA TRP A 106 6.38 3.73 -1.44
C TRP A 106 6.32 2.32 -0.91
N VAL A 107 5.88 2.18 0.34
CA VAL A 107 5.57 0.89 0.92
C VAL A 107 4.10 0.61 0.63
N ILE A 108 3.82 -0.48 -0.08
CA ILE A 108 2.50 -0.74 -0.66
C ILE A 108 1.79 -1.90 0.02
N GLY A 109 2.31 -2.39 1.15
CA GLY A 109 1.62 -3.39 1.95
C GLY A 109 2.45 -4.66 2.08
N GLY A 110 1.91 -5.63 2.83
CA GLY A 110 0.60 -5.62 3.47
C GLY A 110 0.67 -5.22 4.92
N ALA A 111 -0.22 -5.81 5.75
CA ALA A 111 -0.32 -5.38 7.15
C ALA A 111 0.99 -5.60 7.91
N GLN A 112 1.66 -6.72 7.68
CA GLN A 112 2.90 -6.98 8.40
C GLN A 112 3.95 -5.93 8.05
N ILE A 113 4.10 -5.64 6.76
CA ILE A 113 5.12 -4.70 6.32
C ILE A 113 4.77 -3.27 6.72
N TYR A 114 3.47 -2.89 6.68
CA TYR A 114 3.12 -1.55 7.13
C TYR A 114 3.54 -1.32 8.57
N ALA A 115 3.34 -2.32 9.43
CA ALA A 115 3.69 -2.13 10.84
C ALA A 115 5.19 -1.88 11.00
N LEU A 116 6.01 -2.57 10.20
CA LEU A 116 7.45 -2.35 10.27
C LEU A 116 7.83 -1.01 9.67
N ALA A 117 7.11 -0.58 8.63
CA ALA A 117 7.51 0.61 7.88
C ALA A 117 7.06 1.90 8.54
N LEU A 118 5.96 1.86 9.30
CA LEU A 118 5.39 3.10 9.83
C LEU A 118 6.38 3.95 10.62
N PRO A 119 7.20 3.40 11.53
CA PRO A 119 8.18 4.25 12.24
C PRO A 119 9.21 4.88 11.32
N LEU A 120 9.40 4.37 10.11
CA LEU A 120 10.41 4.86 9.19
C LEU A 120 9.85 5.83 8.17
N ALA A 121 8.55 6.05 8.18
CA ALA A 121 7.87 6.78 7.12
C ALA A 121 7.55 8.20 7.55
N ASN A 122 7.42 9.08 6.56
CA ASN A 122 7.00 10.45 6.86
C ASN A 122 5.75 10.86 6.13
N ARG A 123 5.14 9.97 5.35
CA ARG A 123 3.94 10.28 4.60
CA ARG A 123 3.94 10.27 4.58
C ARG A 123 3.08 9.04 4.51
N CYS A 124 1.76 9.22 4.58
CA CYS A 124 0.81 8.14 4.33
C CYS A 124 -0.27 8.66 3.40
N GLU A 125 -0.59 7.89 2.37
CA GLU A 125 -1.68 8.22 1.45
C GLU A 125 -2.71 7.11 1.58
N VAL A 126 -3.88 7.45 2.11
CA VAL A 126 -4.89 6.48 2.49
C VAL A 126 -6.14 6.70 1.64
N THR A 127 -6.70 5.62 1.11
CA THR A 127 -8.03 5.65 0.55
C THR A 127 -8.97 5.00 1.55
N GLU A 128 -10.04 5.70 1.91
CA GLU A 128 -11.06 5.15 2.80
C GLU A 128 -12.26 4.76 1.96
N VAL A 129 -12.73 3.53 2.13
CA VAL A 129 -13.79 2.95 1.32
C VAL A 129 -14.99 2.67 2.23
N ASP A 130 -16.14 3.25 1.90
CA ASP A 130 -17.35 3.09 2.70
C ASP A 130 -18.02 1.79 2.26
N VAL A 131 -17.48 0.70 2.77
CA VAL A 131 -18.02 -0.64 2.56
C VAL A 131 -18.12 -1.30 3.91
N ASP A 132 -19.23 -2.00 4.15
CA ASP A 132 -19.49 -2.62 5.43
C ASP A 132 -18.82 -3.98 5.46
N LEU A 133 -17.76 -4.11 6.25
CA LEU A 133 -16.97 -5.33 6.36
C LEU A 133 -16.65 -5.57 7.82
N PRO A 134 -17.59 -6.14 8.56
CA PRO A 134 -17.28 -6.58 9.92
C PRO A 134 -16.05 -7.46 9.88
N PRO A 135 -14.99 -7.10 10.59
CA PRO A 135 -13.75 -7.87 10.49
C PRO A 135 -13.94 -9.34 10.79
N GLU A 136 -13.17 -10.16 10.07
CA GLU A 136 -13.14 -11.61 10.21
C GLU A 136 -11.73 -11.99 10.64
N ASP A 137 -11.58 -13.21 11.17
CA ASP A 137 -10.44 -13.48 12.05
C ASP A 137 -9.10 -13.45 11.34
N GLU A 138 -9.06 -13.75 10.03
CA GLU A 138 -7.79 -13.75 9.32
C GLU A 138 -7.57 -12.48 8.53
N ASP A 139 -8.36 -11.43 8.77
CA ASP A 139 -8.22 -10.22 7.98
C ASP A 139 -6.88 -9.54 8.23
N ALA A 140 -6.37 -8.90 7.19
CA ALA A 140 -5.26 -7.98 7.34
C ALA A 140 -5.83 -6.59 7.55
N LEU A 141 -5.32 -5.89 8.57
CA LEU A 141 -5.81 -4.60 9.00
C LEU A 141 -4.82 -3.48 8.74
N ALA A 142 -5.35 -2.28 8.51
CA ALA A 142 -4.53 -1.10 8.29
C ALA A 142 -3.80 -0.69 9.56
N PRO A 143 -2.66 -0.02 9.44
CA PRO A 143 -2.09 0.65 10.61
C PRO A 143 -3.00 1.78 11.06
N VAL A 144 -2.90 2.14 12.33
CA VAL A 144 -3.66 3.25 12.88
C VAL A 144 -2.68 4.36 13.16
N LEU A 145 -2.95 5.55 12.66
CA LEU A 145 -2.02 6.66 12.79
C LEU A 145 -2.30 7.39 14.10
N ASP A 146 -1.26 7.55 14.91
CA ASP A 146 -1.38 8.19 16.22
C ASP A 146 -1.14 9.69 16.12
N GLN A 147 -0.95 10.34 17.26
CA GLN A 147 -0.84 11.79 17.35
C GLN A 147 0.42 12.35 16.68
N THR A 148 1.39 11.50 16.33
CA THR A 148 2.57 12.00 15.63
C THR A 148 2.29 12.26 14.15
N TRP A 149 1.09 11.93 13.68
CA TRP A 149 0.67 12.15 12.31
C TRP A 149 -0.44 13.19 12.26
N ALA A 150 -0.46 13.97 11.19
CA ALA A 150 -1.59 14.86 10.95
C ALA A 150 -1.88 14.82 9.45
N GLY A 151 -3.13 15.09 9.10
CA GLY A 151 -3.48 14.94 7.70
C GLY A 151 -4.57 15.87 7.22
N THR A 152 -4.91 15.67 5.97
CA THR A 152 -5.97 16.39 5.29
CA THR A 152 -5.94 16.41 5.25
C THR A 152 -6.81 15.39 4.52
N SER A 153 -8.09 15.69 4.37
CA SER A 153 -9.04 14.76 3.77
C SER A 153 -9.68 15.37 2.52
N GLY A 154 -9.71 14.61 1.44
CA GLY A 154 -10.50 15.01 0.29
C GLY A 154 -11.97 14.81 0.54
N GLU A 155 -12.77 15.33 -0.38
CA GLU A 155 -14.21 15.18 -0.26
C GLU A 155 -14.61 13.72 -0.48
N TRP A 156 -15.73 13.34 0.11
CA TRP A 156 -16.33 12.05 -0.21
C TRP A 156 -16.78 12.06 -1.67
N LEU A 157 -16.38 11.04 -2.40
CA LEU A 157 -16.70 10.86 -3.80
C LEU A 157 -17.48 9.56 -3.96
N VAL A 158 -18.21 9.43 -5.07
CA VAL A 158 -18.93 8.19 -5.38
C VAL A 158 -18.29 7.55 -6.61
N SER A 159 -17.86 6.31 -6.48
CA SER A 159 -17.27 5.60 -7.59
CA SER A 159 -17.25 5.63 -7.61
C SER A 159 -18.30 5.32 -8.68
N ARG A 160 -17.81 5.12 -9.91
CA ARG A 160 -18.72 4.71 -10.97
C ARG A 160 -19.38 3.37 -10.68
N SER A 161 -18.76 2.55 -9.82
CA SER A 161 -19.33 1.29 -9.38
C SER A 161 -20.24 1.44 -8.17
N GLY A 162 -20.33 2.62 -7.57
CA GLY A 162 -21.31 2.89 -6.54
C GLY A 162 -20.79 3.06 -5.13
N LEU A 163 -19.52 2.77 -4.84
CA LEU A 163 -19.01 2.92 -3.48
C LEU A 163 -18.62 4.35 -3.18
N ARG A 164 -18.94 4.82 -1.98
CA ARG A 164 -18.38 6.07 -1.49
C ARG A 164 -16.96 5.83 -1.05
N TYR A 165 -16.08 6.78 -1.38
CA TYR A 165 -14.69 6.67 -0.99
C TYR A 165 -14.10 8.08 -0.87
N ARG A 166 -12.97 8.18 -0.16
CA ARG A 166 -12.26 9.45 -0.13
C ARG A 166 -10.80 9.19 0.18
N MET A 167 -9.97 10.17 -0.19
CA MET A 167 -8.52 10.07 -0.04
C MET A 167 -8.05 10.98 1.09
N HIS A 168 -7.18 10.47 1.95
CA HIS A 168 -6.58 11.22 3.03
C HIS A 168 -5.07 11.26 2.81
N SER A 169 -4.45 12.39 3.12
CA SER A 169 -3.01 12.54 2.99
CA SER A 169 -3.01 12.55 2.99
C SER A 169 -2.45 12.97 4.33
N TYR A 170 -1.56 12.14 4.90
CA TYR A 170 -0.96 12.41 6.19
C TYR A 170 0.54 12.63 6.07
N ARG A 171 1.06 13.48 6.97
CA ARG A 171 2.49 13.68 7.10
C ARG A 171 2.87 13.65 8.56
N ARG A 172 4.09 13.17 8.82
CA ARG A 172 4.60 13.14 10.18
C ARG A 172 4.78 14.57 10.69
N LEU A 173 4.30 14.84 11.91
CA LEU A 173 4.48 16.14 12.55
C LEU A 173 5.92 16.34 12.99
PA NAP B . 2.51 -8.94 3.83
O1A NAP B . 2.26 -8.49 2.43
O2A NAP B . 2.80 -7.87 4.85
O5B NAP B . 3.68 -10.04 3.70
C5B NAP B . 4.08 -10.79 4.88
C4B NAP B . 5.37 -11.48 4.53
O4B NAP B . 6.46 -10.53 4.49
C3B NAP B . 5.81 -12.53 5.54
O3B NAP B . 5.10 -13.75 5.34
C2B NAP B . 7.29 -12.63 5.16
O2B NAP B . 7.52 -13.32 3.92
C1B NAP B . 7.65 -11.16 4.95
N9A NAP B . 8.11 -10.50 6.16
C8A NAP B . 7.37 -10.03 7.21
N7A NAP B . 8.10 -9.54 8.18
C5A NAP B . 9.40 -9.70 7.74
C6A NAP B . 10.65 -9.37 8.30
N6A NAP B . 10.81 -8.80 9.51
N1A NAP B . 11.76 -9.65 7.59
C2A NAP B . 11.62 -10.24 6.39
N3A NAP B . 10.50 -10.59 5.76
C4A NAP B . 9.42 -10.29 6.48
O3 NAP B . 1.29 -9.83 4.33
PN NAP B . -0.16 -9.56 4.97
O1N NAP B . -0.05 -8.70 6.17
O2N NAP B . -0.83 -10.89 5.08
O5D NAP B . -0.84 -8.69 3.84
C5D NAP B . -1.37 -9.27 2.62
C4D NAP B . -2.84 -8.97 2.51
O4D NAP B . -3.06 -7.54 2.44
C3D NAP B . -3.52 -9.55 1.27
O3D NAP B . -4.89 -9.85 1.58
C2D NAP B . -3.45 -8.39 0.29
O2D NAP B . -4.42 -8.48 -0.76
C1D NAP B . -3.72 -7.22 1.24
N1N NAP B . -3.21 -5.88 0.77
C2N NAP B . -4.09 -4.87 0.74
C3N NAP B . -3.66 -3.59 0.43
C7N NAP B . -4.61 -2.43 0.44
O7N NAP B . -4.16 -1.27 0.28
N7N NAP B . -5.91 -2.68 0.64
C4N NAP B . -2.30 -3.40 0.11
C5N NAP B . -1.43 -4.47 0.12
C6N NAP B . -1.90 -5.73 0.46
P2B NAP B . 7.91 -14.87 3.86
O1X NAP B . 9.12 -15.04 4.71
O2X NAP B . 6.67 -15.65 4.37
O3X NAP B . 8.11 -15.08 2.38
C11 QKJ C . -2.96 -3.96 -8.24
C11 QKJ C . -3.16 -3.95 -8.23
C12 QKJ C . -3.91 -4.30 -9.17
C12 QKJ C . -4.17 -4.16 -9.15
C15 QKJ C . -6.19 -6.60 -7.15
C15 QKJ C . -6.79 -6.05 -7.15
C16 QKJ C . -6.43 -6.66 -5.63
C16 QKJ C . -6.82 -6.80 -5.79
C01 QKJ C . -4.53 -1.30 -5.87
C01 QKJ C . -5.08 -1.02 -5.74
C02 QKJ C . -4.81 -1.57 -4.37
C02 QKJ C . -4.99 -1.47 -4.26
C03 QKJ C . -4.03 -0.61 -3.51
C03 QKJ C . -4.16 -0.52 -3.44
C04 QKJ C . -2.87 -0.98 -2.90
C04 QKJ C . -2.96 -0.88 -2.88
C06 QKJ C . -1.23 -2.42 -3.94
C06 QKJ C . -1.38 -2.33 -4.00
C07 QKJ C . -0.95 -3.92 -3.99
C07 QKJ C . -1.11 -3.82 -4.07
C08 QKJ C . -2.05 -4.66 -4.75
C08 QKJ C . -2.25 -4.60 -4.72
C10 QKJ C . -3.06 -4.47 -6.95
C10 QKJ C . -3.32 -4.42 -6.93
C13 QKJ C . -4.95 -5.15 -8.83
C13 QKJ C . -5.32 -4.83 -8.77
C14 QKJ C . -5.07 -5.67 -7.54
C14 QKJ C . -5.50 -5.32 -7.49
C17 QKJ C . -6.17 -8.10 -5.05
C17 QKJ C . -8.15 -7.65 -5.61
C20 QKJ C . -4.09 -5.31 -6.60
C20 QKJ C . -4.47 -5.10 -6.56
C21 QKJ C . -2.20 -0.01 -2.13
C21 QKJ C . -2.28 0.09 -2.13
C24 QKJ C . -3.81 1.50 -2.64
C24 QKJ C . -3.91 1.59 -2.56
N22 QKJ C . -1.06 -0.32 -1.49
N22 QKJ C . -1.09 -0.21 -1.54
N23 QKJ C . -2.67 1.21 -2.00
N23 QKJ C . -2.74 1.31 -1.96
N25 QKJ C . -4.30 2.74 -2.51
N25 QKJ C . -4.41 2.84 -2.40
N26 QKJ C . -4.50 0.64 -3.38
N26 QKJ C . -4.63 0.72 -3.27
O05 QKJ C . -2.33 -2.26 -2.99
O05 QKJ C . -2.41 -2.16 -2.98
O09 QKJ C . -2.07 -4.08 -6.06
O09 QKJ C . -2.25 -4.15 -6.09
O18 QKJ C . -7.20 -8.77 -4.79
O18 QKJ C . -8.06 -8.60 -4.81
O19 QKJ C . -4.95 -8.39 -4.89
O19 QKJ C . -9.12 -7.26 -6.31
CL CL D . -0.85 -1.29 -11.55
#